data_9D9M
#
_entry.id   9D9M
#
_cell.length_a   108.328
_cell.length_b   108.328
_cell.length_c   264.894
_cell.angle_alpha   90.00
_cell.angle_beta   90.00
_cell.angle_gamma   90.00
#
_symmetry.space_group_name_H-M   'I 41 2 2'
#
loop_
_entity.id
_entity.type
_entity.pdbx_description
1 polymer 'UDP-N-acetylmuramate--L-alanine ligase'
2 non-polymer 'SULFATE ION'
3 non-polymer 'CHLORIDE ION'
4 water water
#
_entity_poly.entity_id   1
_entity_poly.type   'polypeptide(L)'
_entity_poly.pdbx_seq_one_letter_code
;MAHHHHHHRRIHFVGIGGAGMCGIAEVLLNLGYEVSGSDLKASAVTERLEKFGAQIFIGHQAENADGADVLVVS(SEP)A
INRANPEVASALERRIPVVPRAEMLAELMRYRHGIAVAGTHGKTTTTSLIASVFAAGGLDPTFVIGGRLNAAGTNAQLGA
SRYLVAEADESDASFLHLQPMVAVVTNIDADHMATYGGDFNKLKKTFVEFLHNLPFYGLAVMCVDDPVVREILPQIARPT
VTYGLSEDADVRAINIRQEGMRTWFTVLRPEREPLDVSVNMPGLHNVLNSLATIVIATDEGISDEAIVQGLSGFQGVGR
;
_entity_poly.pdbx_strand_id   A
#
# COMPACT_ATOMS: atom_id res chain seq x y z
N HIS A 8 6.39 -4.31 -25.52
CA HIS A 8 7.50 -4.22 -24.59
C HIS A 8 7.99 -2.79 -24.49
N ARG A 9 8.24 -2.34 -23.25
CA ARG A 9 8.74 -1.01 -22.98
C ARG A 9 10.02 -1.11 -22.16
N ARG A 10 10.83 -0.07 -22.22
CA ARG A 10 12.00 0.07 -21.35
C ARG A 10 11.76 1.24 -20.39
N ILE A 11 11.88 0.96 -19.10
CA ILE A 11 11.84 1.98 -18.05
C ILE A 11 13.25 2.21 -17.54
N HIS A 12 13.65 3.47 -17.47
CA HIS A 12 14.97 3.86 -16.99
C HIS A 12 14.83 4.63 -15.69
N PHE A 13 15.53 4.17 -14.66
CA PHE A 13 15.50 4.76 -13.33
C PHE A 13 16.76 5.58 -13.14
N VAL A 14 16.60 6.84 -12.76
CA VAL A 14 17.74 7.70 -12.44
C VAL A 14 17.95 7.61 -10.93
N GLY A 15 19.07 7.02 -10.53
CA GLY A 15 19.30 6.73 -9.13
C GLY A 15 18.69 5.42 -8.71
N ILE A 16 18.82 4.37 -9.51
CA ILE A 16 18.09 3.14 -9.31
C ILE A 16 18.47 2.44 -8.02
N GLY A 17 19.63 2.77 -7.44
CA GLY A 17 20.01 2.20 -6.16
C GLY A 17 19.37 2.80 -4.93
N GLY A 18 18.75 3.98 -5.06
CA GLY A 18 18.03 4.57 -3.95
C GLY A 18 17.04 3.61 -3.32
N ALA A 19 16.68 3.85 -2.05
CA ALA A 19 15.94 2.85 -1.30
C ALA A 19 14.51 2.69 -1.82
N GLY A 20 13.87 3.82 -2.20
CA GLY A 20 12.54 3.73 -2.77
C GLY A 20 12.47 3.35 -4.23
N MET A 21 13.61 3.37 -4.94
CA MET A 21 13.63 3.08 -6.37
C MET A 21 13.86 1.60 -6.66
N CYS A 22 14.80 0.97 -5.95
CA CYS A 22 15.18 -0.40 -6.27
C CYS A 22 13.99 -1.36 -6.23
N GLY A 23 13.10 -1.19 -5.26
CA GLY A 23 11.94 -2.06 -5.18
C GLY A 23 11.00 -1.92 -6.37
N ILE A 24 10.83 -0.69 -6.86
CA ILE A 24 9.93 -0.46 -7.99
C ILE A 24 10.53 -1.08 -9.24
N ALA A 25 11.85 -0.97 -9.40
CA ALA A 25 12.50 -1.57 -10.55
C ALA A 25 12.32 -3.08 -10.53
N GLU A 26 12.47 -3.70 -9.35
CA GLU A 26 12.33 -5.15 -9.24
C GLU A 26 10.91 -5.61 -9.60
N VAL A 27 9.90 -4.90 -9.13
CA VAL A 27 8.53 -5.26 -9.50
C VAL A 27 8.35 -5.17 -11.01
N LEU A 28 8.87 -4.11 -11.62
CA LEU A 28 8.72 -3.96 -13.07
C LEU A 28 9.44 -5.08 -13.80
N LEU A 29 10.62 -5.48 -13.32
CA LEU A 29 11.30 -6.66 -13.87
C LEU A 29 10.40 -7.89 -13.78
N ASN A 30 9.81 -8.10 -12.60
CA ASN A 30 8.93 -9.25 -12.42
C ASN A 30 7.74 -9.22 -13.36
N LEU A 31 7.29 -8.04 -13.76
CA LEU A 31 6.16 -7.93 -14.67
C LEU A 31 6.57 -8.14 -16.13
N GLY A 32 7.87 -8.27 -16.41
CA GLY A 32 8.35 -8.52 -17.75
C GLY A 32 8.88 -7.33 -18.53
N TYR A 33 8.99 -6.15 -17.92
CA TYR A 33 9.52 -5.00 -18.64
C TYR A 33 11.04 -5.06 -18.71
N GLU A 34 11.59 -4.47 -19.78
CA GLU A 34 13.00 -4.09 -19.77
C GLU A 34 13.18 -2.94 -18.77
N VAL A 35 14.19 -3.07 -17.92
CA VAL A 35 14.49 -2.08 -16.91
C VAL A 35 15.97 -1.75 -16.99
N SER A 36 16.27 -0.46 -17.08
CA SER A 36 17.62 0.06 -16.95
C SER A 36 17.62 1.07 -15.83
N GLY A 37 18.82 1.37 -15.34
CA GLY A 37 18.96 2.31 -14.24
C GLY A 37 20.38 2.80 -14.17
N SER A 38 20.52 4.02 -13.67
CA SER A 38 21.82 4.62 -13.44
C SER A 38 21.96 4.90 -11.95
N ASP A 39 23.20 4.90 -11.47
CA ASP A 39 23.46 5.30 -10.10
C ASP A 39 24.93 5.67 -10.00
N LEU A 40 25.26 6.46 -8.97
CA LEU A 40 26.65 6.89 -8.80
C LEU A 40 27.55 5.77 -8.26
N LYS A 41 26.99 4.85 -7.48
CA LYS A 41 27.78 3.80 -6.85
C LYS A 41 27.14 2.45 -7.08
N ALA A 42 27.95 1.47 -7.47
CA ALA A 42 27.51 0.08 -7.43
C ALA A 42 27.35 -0.36 -5.99
N SER A 43 26.38 -1.25 -5.77
CA SER A 43 26.10 -1.77 -4.44
C SER A 43 25.52 -3.17 -4.60
N ALA A 44 25.20 -3.80 -3.47
CA ALA A 44 24.51 -5.08 -3.51
C ALA A 44 23.12 -4.93 -4.11
N VAL A 45 22.49 -3.78 -3.90
CA VAL A 45 21.17 -3.53 -4.49
C VAL A 45 21.25 -3.55 -6.00
N THR A 46 22.26 -2.91 -6.58
CA THR A 46 22.35 -2.87 -8.04
C THR A 46 22.80 -4.21 -8.61
N GLU A 47 23.63 -4.96 -7.88
CA GLU A 47 24.00 -6.28 -8.34
C GLU A 47 22.81 -7.23 -8.31
N ARG A 48 21.97 -7.12 -7.28
CA ARG A 48 20.75 -7.91 -7.27
C ARG A 48 19.87 -7.58 -8.46
N LEU A 49 19.69 -6.29 -8.74
CA LEU A 49 18.86 -5.92 -9.89
C LEU A 49 19.48 -6.43 -11.19
N GLU A 50 20.80 -6.38 -11.31
CA GLU A 50 21.44 -6.90 -12.51
C GLU A 50 21.27 -8.41 -12.62
N LYS A 51 21.39 -9.13 -11.50
CA LYS A 51 21.13 -10.56 -11.51
C LYS A 51 19.72 -10.86 -12.00
N PHE A 52 18.77 -9.99 -11.70
CA PHE A 52 17.38 -10.18 -12.09
C PHE A 52 17.04 -9.63 -13.47
N GLY A 53 18.00 -9.07 -14.21
CA GLY A 53 17.73 -8.64 -15.58
C GLY A 53 17.83 -7.14 -15.83
N ALA A 54 18.22 -6.34 -14.85
CA ALA A 54 18.35 -4.91 -15.08
C ALA A 54 19.70 -4.60 -15.71
N GLN A 55 19.70 -3.66 -16.64
CA GLN A 55 20.93 -3.08 -17.16
C GLN A 55 21.29 -1.89 -16.28
N ILE A 56 22.49 -1.91 -15.71
CA ILE A 56 22.94 -0.93 -14.73
C ILE A 56 24.08 -0.11 -15.31
N PHE A 57 23.95 1.21 -15.20
CA PHE A 57 25.00 2.15 -15.54
C PHE A 57 25.51 2.82 -14.26
N ILE A 58 26.82 3.06 -14.19
CA ILE A 58 27.41 3.80 -13.09
C ILE A 58 27.78 5.19 -13.59
N GLY A 59 27.39 6.21 -12.84
CA GLY A 59 27.49 7.59 -13.28
C GLY A 59 26.32 7.99 -14.15
N HIS A 60 26.09 9.30 -14.22
CA HIS A 60 25.00 9.86 -14.99
C HIS A 60 25.55 10.49 -16.28
N GLN A 61 24.96 10.12 -17.41
CA GLN A 61 25.28 10.74 -18.70
C GLN A 61 24.10 10.50 -19.64
N ALA A 62 23.96 11.41 -20.61
CA ALA A 62 22.76 11.39 -21.46
C ALA A 62 22.61 10.07 -22.20
N GLU A 63 23.72 9.39 -22.49
CA GLU A 63 23.65 8.14 -23.24
C GLU A 63 22.89 7.06 -22.47
N ASN A 64 22.92 7.12 -21.13
CA ASN A 64 22.28 6.08 -20.33
C ASN A 64 20.78 6.02 -20.58
N ALA A 65 20.17 7.14 -20.96
CA ALA A 65 18.73 7.21 -21.13
C ALA A 65 18.27 6.80 -22.53
N ASP A 66 19.19 6.42 -23.41
CA ASP A 66 18.82 6.10 -24.78
C ASP A 66 17.95 4.87 -24.84
N GLY A 67 16.95 4.91 -25.71
CA GLY A 67 16.04 3.80 -25.89
C GLY A 67 14.95 3.69 -24.84
N ALA A 68 15.00 4.50 -23.79
CA ALA A 68 14.01 4.39 -22.73
C ALA A 68 12.69 4.95 -23.23
N ASP A 69 11.60 4.27 -22.88
CA ASP A 69 10.26 4.77 -23.17
C ASP A 69 9.72 5.62 -22.03
N VAL A 70 10.31 5.51 -20.84
CA VAL A 70 9.89 6.29 -19.67
C VAL A 70 11.11 6.44 -18.78
N LEU A 71 11.17 7.56 -18.08
CA LEU A 71 12.13 7.75 -17.00
C LEU A 71 11.39 7.84 -15.67
N VAL A 72 11.98 7.23 -14.65
CA VAL A 72 11.54 7.40 -13.28
C VAL A 72 12.68 8.08 -12.52
N VAL A 73 12.36 9.15 -11.82
CA VAL A 73 13.36 9.97 -11.16
C VAL A 73 12.97 10.13 -9.70
N SER A 74 13.96 10.08 -8.83
CA SER A 74 13.73 10.26 -7.42
C SER A 74 13.45 11.73 -7.15
N ALA A 76 15.61 13.25 -5.56
CA ALA A 76 16.99 13.51 -5.22
C ALA A 76 17.85 13.75 -6.47
N ILE A 77 17.22 14.17 -7.57
CA ILE A 77 17.90 14.39 -8.83
C ILE A 77 17.63 15.82 -9.29
N ASN A 78 18.70 16.54 -9.63
CA ASN A 78 18.56 17.85 -10.26
C ASN A 78 18.01 17.69 -11.68
N ARG A 79 17.29 18.72 -12.15
CA ARG A 79 16.89 18.73 -13.55
C ARG A 79 18.10 18.92 -14.47
N ALA A 80 19.17 19.52 -13.95
CA ALA A 80 20.42 19.58 -14.68
C ALA A 80 20.96 18.20 -15.03
N ASN A 81 20.53 17.16 -14.30
CA ASN A 81 20.92 15.78 -14.56
C ASN A 81 20.84 15.52 -16.06
N PRO A 82 21.95 15.11 -16.70
CA PRO A 82 21.93 14.96 -18.16
C PRO A 82 20.92 13.94 -18.68
N GLU A 83 20.63 12.89 -17.91
CA GLU A 83 19.67 11.89 -18.39
C GLU A 83 18.27 12.46 -18.43
N VAL A 84 17.88 13.18 -17.37
CA VAL A 84 16.58 13.84 -17.36
C VAL A 84 16.50 14.85 -18.49
N ALA A 85 17.53 15.66 -18.65
CA ALA A 85 17.52 16.68 -19.69
C ALA A 85 17.38 16.05 -21.08
N SER A 86 18.11 14.97 -21.33
CA SER A 86 17.99 14.30 -22.62
C SER A 86 16.57 13.80 -22.85
N ALA A 87 15.95 13.22 -21.81
CA ALA A 87 14.59 12.72 -21.96
C ALA A 87 13.61 13.85 -22.24
N LEU A 88 13.74 14.99 -21.54
CA LEU A 88 12.83 16.11 -21.78
C LEU A 88 12.97 16.63 -23.21
N GLU A 89 14.20 16.69 -23.72
CA GLU A 89 14.41 17.19 -25.07
C GLU A 89 13.75 16.28 -26.10
N ARG A 90 13.81 14.96 -25.83
CA ARG A 90 13.27 13.96 -26.78
C ARG A 90 11.79 13.69 -26.49
N ARG A 91 11.22 14.35 -25.49
CA ARG A 91 9.78 14.22 -25.16
C ARG A 91 9.51 12.86 -24.47
N ILE A 92 10.55 12.17 -23.99
CA ILE A 92 10.30 10.93 -23.21
C ILE A 92 9.59 11.36 -21.92
N PRO A 93 8.54 10.65 -21.47
CA PRO A 93 7.90 11.01 -20.22
C PRO A 93 8.77 10.83 -18.98
N VAL A 94 8.76 11.81 -18.08
CA VAL A 94 9.52 11.67 -16.84
C VAL A 94 8.49 11.66 -15.73
N VAL A 95 8.45 10.57 -14.96
CA VAL A 95 7.46 10.44 -13.90
C VAL A 95 8.14 10.36 -12.55
N PRO A 96 7.55 10.96 -11.52
CA PRO A 96 8.14 10.84 -10.18
C PRO A 96 8.03 9.41 -9.66
N ARG A 97 8.98 9.06 -8.79
CA ARG A 97 8.97 7.76 -8.13
C ARG A 97 7.60 7.41 -7.58
N ALA A 98 6.91 8.36 -6.96
CA ALA A 98 5.68 8.01 -6.27
C ALA A 98 4.54 7.67 -7.23
N GLU A 99 4.54 8.26 -8.43
CA GLU A 99 3.48 7.90 -9.38
C GLU A 99 3.70 6.48 -9.91
N MET A 100 4.94 6.12 -10.24
CA MET A 100 5.21 4.76 -10.70
C MET A 100 4.85 3.77 -9.58
N LEU A 101 5.19 4.10 -8.34
CA LEU A 101 4.85 3.20 -7.24
C LEU A 101 3.36 2.93 -7.17
N ALA A 102 2.54 3.98 -7.26
CA ALA A 102 1.08 3.84 -7.21
C ALA A 102 0.57 3.04 -8.41
N GLU A 103 1.24 3.20 -9.54
CA GLU A 103 0.87 2.53 -10.78
C GLU A 103 0.96 1.01 -10.67
N LEU A 104 1.85 0.50 -9.83
CA LEU A 104 2.04 -0.94 -9.74
C LEU A 104 0.74 -1.66 -9.39
N MET A 105 -0.16 -0.98 -8.70
CA MET A 105 -1.39 -1.62 -8.24
C MET A 105 -2.30 -2.05 -9.39
N ARG A 106 -2.11 -1.45 -10.57
CA ARG A 106 -2.92 -1.83 -11.71
C ARG A 106 -2.65 -3.25 -12.18
N TYR A 107 -1.48 -3.79 -11.87
CA TYR A 107 -1.13 -5.12 -12.33
C TYR A 107 -1.47 -6.22 -11.33
N ARG A 108 -1.94 -5.88 -10.15
CA ARG A 108 -2.09 -6.85 -9.08
C ARG A 108 -3.46 -6.67 -8.45
N HIS A 109 -3.77 -7.53 -7.51
CA HIS A 109 -4.97 -7.39 -6.69
C HIS A 109 -4.60 -6.43 -5.56
N GLY A 110 -4.90 -5.15 -5.78
CA GLY A 110 -4.44 -4.10 -4.91
C GLY A 110 -5.34 -3.87 -3.72
N ILE A 111 -4.72 -3.82 -2.54
CA ILE A 111 -5.38 -3.45 -1.28
C ILE A 111 -4.73 -2.16 -0.82
N ALA A 112 -5.49 -1.07 -0.88
CA ALA A 112 -5.02 0.26 -0.49
C ALA A 112 -5.50 0.58 0.92
N VAL A 113 -4.56 0.81 1.83
CA VAL A 113 -4.88 1.08 3.23
C VAL A 113 -4.80 2.60 3.40
N ALA A 114 -5.96 3.25 3.37
CA ALA A 114 -6.05 4.69 3.53
C ALA A 114 -6.53 5.05 4.94
N GLY A 115 -6.44 6.34 5.24
CA GLY A 115 -6.74 6.84 6.57
C GLY A 115 -5.55 7.64 7.04
N THR A 116 -5.82 8.64 7.90
CA THR A 116 -4.76 9.54 8.33
C THR A 116 -3.80 8.85 9.30
N HIS A 117 -4.33 7.95 10.15
CA HIS A 117 -3.54 7.25 11.15
C HIS A 117 -3.81 5.76 11.08
N GLY A 118 -2.77 4.98 11.42
CA GLY A 118 -2.88 3.54 11.43
C GLY A 118 -2.63 2.83 10.11
N LYS A 119 -2.16 3.54 9.08
CA LYS A 119 -1.91 2.87 7.80
C LYS A 119 -0.79 1.85 7.93
N THR A 120 0.30 2.24 8.59
CA THR A 120 1.47 1.37 8.66
C THR A 120 1.16 0.08 9.40
N THR A 121 0.56 0.19 10.58
CA THR A 121 0.26 -1.01 11.35
C THR A 121 -0.74 -1.88 10.60
N THR A 122 -1.81 -1.26 10.07
CA THR A 122 -2.84 -2.04 9.41
C THR A 122 -2.28 -2.78 8.19
N THR A 123 -1.42 -2.10 7.41
CA THR A 123 -0.78 -2.76 6.28
C THR A 123 0.06 -3.96 6.73
N SER A 124 0.83 -3.77 7.81
CA SER A 124 1.66 -4.87 8.32
C SER A 124 0.81 -6.04 8.80
N LEU A 125 -0.28 -5.76 9.52
CA LEU A 125 -1.14 -6.84 9.97
C LEU A 125 -1.75 -7.59 8.79
N ILE A 126 -2.18 -6.85 7.76
CA ILE A 126 -2.71 -7.49 6.56
C ILE A 126 -1.65 -8.41 5.95
N ALA A 127 -0.43 -7.89 5.77
CA ALA A 127 0.63 -8.73 5.22
C ALA A 127 0.87 -9.94 6.10
N SER A 128 0.87 -9.75 7.42
CA SER A 128 1.14 -10.86 8.34
C SER A 128 0.11 -11.96 8.20
N VAL A 129 -1.17 -11.58 8.08
CA VAL A 129 -2.24 -12.56 7.97
C VAL A 129 -2.22 -13.25 6.62
N PHE A 130 -2.04 -12.49 5.55
CA PHE A 130 -1.94 -13.10 4.23
C PHE A 130 -0.79 -14.08 4.19
N ALA A 131 0.36 -13.71 4.74
CA ALA A 131 1.49 -14.63 4.77
C ALA A 131 1.14 -15.89 5.55
N ALA A 132 0.47 -15.75 6.69
CA ALA A 132 0.06 -16.93 7.45
C ALA A 132 -0.85 -17.83 6.61
N GLY A 133 -1.58 -17.25 5.66
CA GLY A 133 -2.40 -18.02 4.75
C GLY A 133 -1.65 -18.51 3.52
N GLY A 134 -0.33 -18.34 3.50
CA GLY A 134 0.50 -18.84 2.43
C GLY A 134 0.59 -17.95 1.21
N LEU A 135 0.23 -16.67 1.30
CA LEU A 135 0.04 -15.85 0.12
C LEU A 135 1.19 -14.91 -0.21
N ASP A 136 2.21 -14.81 0.65
CA ASP A 136 3.42 -14.02 0.38
C ASP A 136 3.21 -12.66 -0.30
N PRO A 137 2.33 -11.81 0.23
CA PRO A 137 2.08 -10.53 -0.42
C PRO A 137 3.29 -9.61 -0.48
N THR A 138 3.34 -8.78 -1.51
CA THR A 138 4.20 -7.60 -1.53
C THR A 138 3.44 -6.45 -0.88
N PHE A 139 4.12 -5.68 -0.04
CA PHE A 139 3.46 -4.57 0.63
C PHE A 139 4.39 -3.36 0.70
N VAL A 140 3.76 -2.19 0.75
CA VAL A 140 4.44 -0.91 0.67
C VAL A 140 4.22 -0.15 1.98
N ILE A 141 5.32 0.15 2.67
CA ILE A 141 5.30 0.97 3.87
C ILE A 141 6.36 2.05 3.74
N GLY A 142 5.97 3.30 3.97
CA GLY A 142 6.91 4.40 3.86
C GLY A 142 7.57 4.53 2.49
N GLY A 143 6.83 4.22 1.42
CA GLY A 143 7.42 4.23 0.10
C GLY A 143 8.36 3.09 -0.24
N ARG A 144 8.45 2.07 0.60
CA ARG A 144 9.39 0.96 0.41
C ARG A 144 8.62 -0.34 0.18
N LEU A 145 8.92 -1.01 -0.93
CA LEU A 145 8.34 -2.31 -1.21
C LEU A 145 9.00 -3.39 -0.38
N ASN A 146 8.17 -4.27 0.17
CA ASN A 146 8.66 -5.38 1.01
C ASN A 146 7.83 -6.64 0.81
N ALA A 147 8.43 -7.78 1.06
CA ALA A 147 7.71 -9.06 1.05
C ALA A 147 8.42 -9.93 2.10
N ALA A 148 7.80 -10.06 3.26
CA ALA A 148 8.47 -10.69 4.38
C ALA A 148 8.90 -12.12 4.04
N GLY A 149 10.19 -12.40 4.24
CA GLY A 149 10.68 -13.75 4.14
C GLY A 149 10.47 -14.41 2.80
N THR A 150 10.27 -13.61 1.76
CA THR A 150 9.98 -14.16 0.43
C THR A 150 11.26 -14.70 -0.18
N ASN A 151 11.16 -15.87 -0.81
CA ASN A 151 12.21 -16.37 -1.69
C ASN A 151 11.89 -16.05 -3.15
N ALA A 152 11.55 -14.79 -3.44
CA ALA A 152 11.05 -14.43 -4.77
C ALA A 152 11.28 -12.95 -5.03
N GLN A 153 11.17 -12.58 -6.29
CA GLN A 153 11.20 -11.17 -6.67
C GLN A 153 10.00 -10.44 -6.10
N LEU A 154 10.21 -9.19 -5.70
CA LEU A 154 9.11 -8.34 -5.28
C LEU A 154 8.05 -8.31 -6.37
N GLY A 155 6.79 -8.30 -5.96
CA GLY A 155 5.68 -8.30 -6.90
C GLY A 155 5.28 -9.65 -7.43
N ALA A 156 5.94 -10.72 -6.97
CA ALA A 156 5.60 -12.06 -7.46
C ALA A 156 4.19 -12.47 -7.04
N SER A 157 3.79 -12.08 -5.84
CA SER A 157 2.46 -12.41 -5.35
C SER A 157 1.39 -11.78 -6.24
N ARG A 158 0.20 -12.39 -6.22
CA ARG A 158 -0.97 -11.75 -6.81
C ARG A 158 -1.38 -10.48 -6.05
N TYR A 159 -0.96 -10.31 -4.80
CA TYR A 159 -1.48 -9.28 -3.92
C TYR A 159 -0.45 -8.17 -3.75
N LEU A 160 -0.93 -6.93 -3.82
CA LEU A 160 -0.12 -5.76 -3.50
C LEU A 160 -0.88 -4.94 -2.47
N VAL A 161 -0.31 -4.81 -1.29
CA VAL A 161 -0.93 -4.12 -0.17
C VAL A 161 -0.14 -2.84 0.06
N ALA A 162 -0.81 -1.69 0.00
CA ALA A 162 -0.07 -0.43 0.08
C ALA A 162 -0.78 0.62 0.92
N GLU A 163 0.01 1.33 1.72
CA GLU A 163 -0.41 2.59 2.29
C GLU A 163 -0.88 3.54 1.21
N ALA A 164 -2.00 4.21 1.46
CA ALA A 164 -2.55 5.23 0.56
C ALA A 164 -2.61 6.55 1.34
N ASP A 165 -1.62 7.41 1.13
CA ASP A 165 -1.47 8.64 1.88
C ASP A 165 -2.19 9.79 1.17
N GLU A 166 -3.09 10.47 1.90
CA GLU A 166 -3.88 11.54 1.27
C GLU A 166 -3.08 12.80 1.00
N SER A 167 -1.89 12.95 1.57
CA SER A 167 -0.99 14.04 1.21
C SER A 167 -0.16 13.74 -0.03
N ASP A 168 -0.20 12.51 -0.53
CA ASP A 168 0.59 12.12 -1.69
C ASP A 168 -0.11 12.55 -2.98
N ALA A 169 0.64 13.14 -3.89
CA ALA A 169 0.05 13.64 -5.13
C ALA A 169 -0.66 12.54 -5.92
N SER A 170 -0.25 11.28 -5.75
CA SER A 170 -0.85 10.16 -6.51
C SER A 170 -2.01 9.48 -5.80
N PHE A 171 -2.43 9.99 -4.64
CA PHE A 171 -3.53 9.42 -3.88
C PHE A 171 -4.71 9.02 -4.75
N LEU A 172 -5.13 9.92 -5.65
CA LEU A 172 -6.31 9.69 -6.46
C LEU A 172 -6.05 8.91 -7.74
N HIS A 173 -4.81 8.50 -8.00
CA HIS A 173 -4.51 7.66 -9.15
C HIS A 173 -4.27 6.21 -8.76
N LEU A 174 -4.48 5.86 -7.49
CA LEU A 174 -4.49 4.46 -7.11
C LEU A 174 -5.72 3.75 -7.68
N GLN A 175 -5.54 2.49 -8.08
CA GLN A 175 -6.62 1.67 -8.63
C GLN A 175 -6.69 0.36 -7.85
N PRO A 176 -7.14 0.43 -6.60
CA PRO A 176 -7.23 -0.78 -5.79
C PRO A 176 -8.47 -1.60 -6.11
N MET A 177 -8.44 -2.86 -5.68
CA MET A 177 -9.62 -3.71 -5.61
C MET A 177 -10.33 -3.58 -4.27
N VAL A 178 -9.57 -3.36 -3.21
CA VAL A 178 -10.08 -3.16 -1.86
C VAL A 178 -9.43 -1.92 -1.29
N ALA A 179 -10.22 -1.14 -0.54
CA ALA A 179 -9.74 0.08 0.09
C ALA A 179 -10.23 0.15 1.53
N VAL A 180 -9.30 0.42 2.44
CA VAL A 180 -9.63 0.67 3.83
C VAL A 180 -9.57 2.16 4.07
N VAL A 181 -10.44 2.65 4.96
CA VAL A 181 -10.30 4.00 5.53
C VAL A 181 -10.35 3.86 7.06
N THR A 182 -9.19 3.98 7.71
CA THR A 182 -9.12 3.82 9.16
C THR A 182 -9.75 5.00 9.89
N ASN A 183 -9.57 6.21 9.37
CA ASN A 183 -10.04 7.45 9.99
C ASN A 183 -9.71 8.61 9.07
N ILE A 184 -10.34 9.75 9.33
CA ILE A 184 -10.11 10.96 8.53
C ILE A 184 -9.86 12.12 9.47
N ASP A 185 -8.60 12.55 9.55
CA ASP A 185 -8.15 13.63 10.41
C ASP A 185 -7.74 14.81 9.52
N ALA A 186 -7.51 15.95 10.17
CA ALA A 186 -7.23 17.21 9.51
C ALA A 186 -5.74 17.47 9.34
N ASP A 187 -4.88 16.49 9.62
CA ASP A 187 -3.45 16.74 9.60
C ASP A 187 -3.00 17.37 8.29
N HIS A 188 -3.50 16.87 7.15
CA HIS A 188 -3.02 17.26 5.84
C HIS A 188 -3.95 18.23 5.11
N MET A 189 -4.70 19.05 5.85
CA MET A 189 -5.55 20.04 5.21
C MET A 189 -4.78 20.93 4.24
N ALA A 190 -3.50 21.21 4.53
CA ALA A 190 -2.72 22.08 3.66
C ALA A 190 -2.63 21.53 2.24
N THR A 191 -2.61 20.21 2.10
CA THR A 191 -2.63 19.61 0.77
C THR A 191 -3.87 20.04 -0.02
N TYR A 192 -4.93 20.41 0.68
CA TYR A 192 -6.21 20.71 0.05
C TYR A 192 -6.64 22.14 0.34
N GLY A 193 -5.69 23.08 0.21
CA GLY A 193 -5.99 24.48 0.40
C GLY A 193 -6.45 24.82 1.79
N GLY A 194 -5.99 24.08 2.79
CA GLY A 194 -6.40 24.30 4.17
C GLY A 194 -7.88 24.17 4.42
N ASP A 195 -8.58 23.31 3.69
CA ASP A 195 -10.03 23.18 3.83
C ASP A 195 -10.40 21.73 4.13
N PHE A 196 -10.92 21.48 5.34
CA PHE A 196 -11.21 20.11 5.74
C PHE A 196 -12.30 19.50 4.87
N ASN A 197 -13.29 20.31 4.49
CA ASN A 197 -14.38 19.78 3.67
C ASN A 197 -13.86 19.31 2.32
N LYS A 198 -12.88 20.02 1.74
CA LYS A 198 -12.23 19.54 0.52
C LYS A 198 -11.46 18.24 0.78
N LEU A 199 -10.79 18.14 1.93
CA LEU A 199 -10.10 16.91 2.27
C LEU A 199 -11.06 15.73 2.37
N LYS A 200 -12.22 15.95 2.99
CA LYS A 200 -13.23 14.90 3.06
C LYS A 200 -13.70 14.48 1.67
N LYS A 201 -13.95 15.47 0.80
CA LYS A 201 -14.42 15.13 -0.55
C LYS A 201 -13.39 14.29 -1.30
N THR A 202 -12.11 14.50 -1.02
CA THR A 202 -11.09 13.69 -1.67
C THR A 202 -11.19 12.23 -1.26
N PHE A 203 -11.54 11.97 0.00
CA PHE A 203 -11.71 10.59 0.45
C PHE A 203 -12.89 9.92 -0.23
N VAL A 204 -13.94 10.70 -0.54
CA VAL A 204 -15.07 10.14 -1.28
C VAL A 204 -14.63 9.79 -2.70
N GLU A 205 -13.89 10.70 -3.35
CA GLU A 205 -13.42 10.44 -4.71
C GLU A 205 -12.47 9.25 -4.75
N PHE A 206 -11.61 9.12 -3.74
CA PHE A 206 -10.70 7.99 -3.66
C PHE A 206 -11.45 6.67 -3.61
N LEU A 207 -12.50 6.58 -2.77
CA LEU A 207 -13.24 5.33 -2.69
C LEU A 207 -13.98 5.04 -4.00
N HIS A 208 -14.29 6.06 -4.77
CA HIS A 208 -14.95 5.85 -6.06
C HIS A 208 -13.96 5.50 -7.15
N ASN A 209 -12.67 5.39 -6.86
CA ASN A 209 -11.77 4.73 -7.78
C ASN A 209 -11.91 3.22 -7.71
N LEU A 210 -12.62 2.71 -6.71
CA LEU A 210 -12.90 1.30 -6.66
C LEU A 210 -13.80 0.90 -7.82
N PRO A 211 -13.65 -0.31 -8.33
CA PRO A 211 -14.66 -0.84 -9.25
C PRO A 211 -15.95 -1.15 -8.50
N PHE A 212 -17.04 -1.19 -9.27
CA PHE A 212 -18.36 -1.50 -8.69
C PHE A 212 -18.38 -2.86 -7.99
N TYR A 213 -17.47 -3.78 -8.36
CA TYR A 213 -17.30 -5.04 -7.64
C TYR A 213 -16.28 -4.95 -6.51
N GLY A 214 -15.68 -3.77 -6.30
CA GLY A 214 -14.68 -3.59 -5.27
C GLY A 214 -15.31 -3.62 -3.88
N LEU A 215 -14.47 -3.34 -2.89
CA LEU A 215 -14.92 -3.33 -1.50
C LEU A 215 -14.29 -2.17 -0.74
N ALA A 216 -15.13 -1.38 -0.08
CA ALA A 216 -14.68 -0.30 0.79
C ALA A 216 -14.85 -0.74 2.24
N VAL A 217 -13.78 -0.66 3.01
CA VAL A 217 -13.76 -1.13 4.40
C VAL A 217 -13.62 0.10 5.29
N MET A 218 -14.68 0.41 6.04
CA MET A 218 -14.90 1.74 6.64
C MET A 218 -15.00 1.65 8.15
N CYS A 219 -14.17 2.39 8.85
CA CYS A 219 -14.23 2.46 10.30
C CYS A 219 -15.34 3.42 10.72
N VAL A 220 -16.48 2.91 11.19
CA VAL A 220 -17.57 3.79 11.58
C VAL A 220 -17.43 4.31 13.02
N ASP A 221 -16.35 3.98 13.71
CA ASP A 221 -16.07 4.63 14.98
C ASP A 221 -15.53 6.04 14.79
N ASP A 222 -15.00 6.33 13.62
CA ASP A 222 -14.58 7.68 13.26
C ASP A 222 -15.77 8.47 12.77
N PRO A 223 -16.09 9.62 13.38
CA PRO A 223 -17.31 10.34 12.97
C PRO A 223 -17.27 10.87 11.55
N VAL A 224 -16.07 11.17 11.03
CA VAL A 224 -15.98 11.67 9.66
C VAL A 224 -16.20 10.55 8.67
N VAL A 225 -15.67 9.36 8.96
CA VAL A 225 -15.90 8.22 8.07
C VAL A 225 -17.39 7.89 8.05
N ARG A 226 -18.03 7.94 9.22
CA ARG A 226 -19.47 7.66 9.29
C ARG A 226 -20.27 8.70 8.53
N GLU A 227 -19.81 9.95 8.54
CA GLU A 227 -20.48 11.02 7.83
C GLU A 227 -20.53 10.76 6.34
N ILE A 228 -19.40 10.37 5.74
CA ILE A 228 -19.36 10.22 4.29
C ILE A 228 -19.92 8.89 3.81
N LEU A 229 -20.14 7.94 4.72
CA LEU A 229 -20.57 6.59 4.35
C LEU A 229 -21.75 6.58 3.38
N PRO A 230 -22.81 7.36 3.58
CA PRO A 230 -23.93 7.34 2.63
C PRO A 230 -23.55 7.80 1.23
N GLN A 231 -22.40 8.43 1.06
CA GLN A 231 -21.97 8.90 -0.24
C GLN A 231 -21.31 7.83 -1.09
N ILE A 232 -20.94 6.69 -0.50
CA ILE A 232 -20.09 5.72 -1.17
C ILE A 232 -20.99 4.75 -1.94
N ALA A 233 -20.95 4.84 -3.27
CA ALA A 233 -21.77 3.97 -4.11
C ALA A 233 -20.97 2.74 -4.55
N ARG A 234 -20.40 2.05 -3.58
CA ARG A 234 -19.62 0.84 -3.77
C ARG A 234 -19.95 -0.09 -2.64
N PRO A 235 -19.76 -1.41 -2.81
CA PRO A 235 -19.93 -2.32 -1.67
C PRO A 235 -19.04 -1.88 -0.53
N THR A 236 -19.62 -1.91 0.67
CA THR A 236 -18.94 -1.47 1.88
C THR A 236 -19.17 -2.48 2.99
N VAL A 237 -18.16 -2.66 3.82
CA VAL A 237 -18.27 -3.35 5.10
C VAL A 237 -17.76 -2.36 6.15
N THR A 238 -18.51 -2.18 7.23
CA THR A 238 -18.12 -1.25 8.29
C THR A 238 -17.61 -2.05 9.48
N TYR A 239 -16.68 -1.44 10.22
CA TYR A 239 -16.14 -2.08 11.42
C TYR A 239 -15.98 -1.06 12.52
N GLY A 240 -15.77 -1.56 13.73
CA GLY A 240 -15.57 -0.72 14.89
C GLY A 240 -16.16 -1.37 16.13
N LEU A 241 -16.02 -0.65 17.25
CA LEU A 241 -16.74 -1.01 18.47
C LEU A 241 -18.20 -0.57 18.43
N SER A 242 -18.56 0.40 17.58
CA SER A 242 -19.95 0.81 17.48
C SER A 242 -20.84 -0.42 17.35
N GLU A 243 -21.99 -0.39 18.02
CA GLU A 243 -22.89 -1.53 18.01
C GLU A 243 -23.54 -1.72 16.64
N ASP A 244 -23.54 -0.69 15.81
CA ASP A 244 -24.11 -0.84 14.46
C ASP A 244 -23.08 -1.20 13.39
N ALA A 245 -21.82 -1.45 13.76
CA ALA A 245 -20.82 -1.84 12.77
C ALA A 245 -21.08 -3.27 12.31
N ASP A 246 -20.83 -3.52 11.01
CA ASP A 246 -20.96 -4.88 10.49
C ASP A 246 -20.03 -5.85 11.21
N VAL A 247 -18.77 -5.46 11.40
CA VAL A 247 -17.75 -6.29 12.05
C VAL A 247 -17.31 -5.58 13.31
N ARG A 248 -17.46 -6.26 14.46
CA ARG A 248 -17.33 -5.61 15.75
C ARG A 248 -16.37 -6.37 16.65
N ALA A 249 -15.75 -5.63 17.56
CA ALA A 249 -14.97 -6.17 18.66
C ALA A 249 -15.79 -6.04 19.94
N ILE A 250 -15.84 -7.11 20.74
CA ILE A 250 -16.44 -7.09 22.06
C ILE A 250 -15.52 -7.82 23.02
N ASN A 251 -15.81 -7.66 24.31
CA ASN A 251 -15.09 -8.37 25.38
C ASN A 251 -13.59 -8.14 25.29
N ILE A 252 -13.21 -6.87 25.09
CA ILE A 252 -11.81 -6.49 25.07
C ILE A 252 -11.22 -6.69 26.45
N ARG A 253 -10.07 -7.35 26.47
CA ARG A 253 -9.44 -7.69 27.75
C ARG A 253 -7.92 -7.78 27.55
N GLN A 254 -7.19 -7.79 28.64
CA GLN A 254 -5.74 -7.96 28.60
C GLN A 254 -5.34 -9.22 29.34
N GLU A 255 -4.26 -9.83 28.84
CA GLU A 255 -3.53 -10.89 29.54
C GLU A 255 -2.06 -10.60 29.22
N GLY A 256 -1.40 -9.84 30.10
CA GLY A 256 -0.06 -9.35 29.84
C GLY A 256 -0.04 -8.13 28.95
N MET A 257 0.97 -8.02 28.08
CA MET A 257 1.04 -6.98 27.06
C MET A 257 0.30 -7.37 25.79
N ARG A 258 -0.58 -8.35 25.91
CA ARG A 258 -1.35 -8.91 24.81
C ARG A 258 -2.81 -8.53 24.99
N THR A 259 -3.42 -8.02 23.94
CA THR A 259 -4.82 -7.63 23.95
C THR A 259 -5.65 -8.72 23.29
N TRP A 260 -6.67 -9.19 23.98
CA TRP A 260 -7.60 -10.20 23.47
C TRP A 260 -8.94 -9.54 23.16
N PHE A 261 -9.66 -10.10 22.20
CA PHE A 261 -11.04 -9.65 22.00
C PHE A 261 -11.76 -10.64 21.09
N THR A 262 -13.08 -10.51 21.06
CA THR A 262 -13.94 -11.36 20.27
C THR A 262 -14.48 -10.56 19.09
N VAL A 263 -14.34 -11.10 17.89
CA VAL A 263 -14.76 -10.42 16.67
C VAL A 263 -16.06 -11.05 16.19
N LEU A 264 -17.07 -10.20 15.96
CA LEU A 264 -18.35 -10.63 15.45
C LEU A 264 -18.43 -10.28 13.98
N ARG A 265 -18.81 -11.25 13.17
CA ARG A 265 -18.87 -11.09 11.72
C ARG A 265 -20.21 -11.60 11.23
N PRO A 266 -20.75 -10.98 10.18
CA PRO A 266 -22.04 -11.46 9.65
C PRO A 266 -21.95 -12.92 9.24
N GLU A 267 -22.91 -13.70 9.71
CA GLU A 267 -23.06 -15.10 9.32
C GLU A 267 -21.81 -15.92 9.65
N ARG A 268 -21.12 -15.59 10.73
CA ARG A 268 -20.02 -16.41 11.22
C ARG A 268 -20.15 -16.53 12.72
N GLU A 269 -19.57 -17.57 13.28
CA GLU A 269 -19.52 -17.68 14.73
C GLU A 269 -18.52 -16.67 15.29
N PRO A 270 -18.68 -16.27 16.54
CA PRO A 270 -17.68 -15.38 17.14
C PRO A 270 -16.30 -16.02 17.15
N LEU A 271 -15.29 -15.19 16.92
CA LEU A 271 -13.90 -15.62 16.82
C LEU A 271 -13.05 -14.86 17.83
N ASP A 272 -12.30 -15.60 18.64
CA ASP A 272 -11.41 -15.02 19.62
C ASP A 272 -10.04 -14.78 19.03
N VAL A 273 -9.56 -13.54 19.11
CA VAL A 273 -8.27 -13.17 18.57
C VAL A 273 -7.46 -12.44 19.63
N SER A 274 -6.16 -12.32 19.38
CA SER A 274 -5.26 -11.57 20.24
C SER A 274 -4.27 -10.83 19.36
N VAL A 275 -3.71 -9.74 19.89
CA VAL A 275 -2.67 -8.98 19.21
C VAL A 275 -1.73 -8.42 20.25
N ASN A 276 -0.45 -8.31 19.89
CA ASN A 276 0.59 -7.87 20.82
C ASN A 276 0.75 -6.36 20.82
N MET A 277 -0.36 -5.65 20.96
CA MET A 277 -0.31 -4.21 20.81
C MET A 277 -1.43 -3.61 21.63
N PRO A 278 -1.16 -2.52 22.34
CA PRO A 278 -2.18 -1.92 23.19
C PRO A 278 -3.02 -0.89 22.44
N GLY A 279 -4.18 -0.61 23.00
CA GLY A 279 -4.96 0.51 22.54
C GLY A 279 -6.11 0.06 21.67
N LEU A 280 -7.20 0.86 21.70
CA LEU A 280 -8.32 0.56 20.84
C LEU A 280 -7.98 0.79 19.38
N HIS A 281 -7.04 1.69 19.09
CA HIS A 281 -6.70 1.92 17.70
C HIS A 281 -6.08 0.67 17.08
N ASN A 282 -5.34 -0.12 17.84
CA ASN A 282 -4.82 -1.38 17.28
C ASN A 282 -5.86 -2.49 17.28
N VAL A 283 -6.87 -2.45 18.14
CA VAL A 283 -8.02 -3.33 17.97
C VAL A 283 -8.73 -3.00 16.65
N LEU A 284 -8.89 -1.71 16.38
CA LEU A 284 -9.55 -1.29 15.13
C LEU A 284 -8.73 -1.69 13.91
N ASN A 285 -7.40 -1.50 13.96
CA ASN A 285 -6.56 -1.94 12.87
C ASN A 285 -6.67 -3.44 12.64
N SER A 286 -6.79 -4.21 13.73
CA SER A 286 -7.00 -5.64 13.59
C SER A 286 -8.36 -5.96 12.97
N LEU A 287 -9.40 -5.21 13.35
CA LEU A 287 -10.70 -5.41 12.73
C LEU A 287 -10.63 -5.16 11.23
N ALA A 288 -9.94 -4.09 10.83
CA ALA A 288 -9.84 -3.80 9.41
C ALA A 288 -9.19 -4.97 8.68
N THR A 289 -8.13 -5.51 9.26
CA THR A 289 -7.46 -6.70 8.71
C THR A 289 -8.40 -7.88 8.62
N ILE A 290 -9.18 -8.11 9.67
CA ILE A 290 -10.07 -9.26 9.70
C ILE A 290 -11.13 -9.15 8.61
N VAL A 291 -11.60 -7.93 8.34
CA VAL A 291 -12.60 -7.75 7.29
C VAL A 291 -12.01 -8.12 5.94
N ILE A 292 -10.82 -7.59 5.66
CA ILE A 292 -10.20 -7.84 4.36
C ILE A 292 -9.88 -9.30 4.20
N ALA A 293 -9.31 -9.93 5.23
CA ALA A 293 -8.97 -11.33 5.15
C ALA A 293 -10.23 -12.18 4.99
N THR A 294 -11.28 -11.86 5.73
CA THR A 294 -12.54 -12.58 5.57
C THR A 294 -13.08 -12.44 4.15
N ASP A 295 -13.08 -11.23 3.61
CA ASP A 295 -13.56 -11.03 2.25
C ASP A 295 -12.74 -11.85 1.25
N GLU A 296 -11.45 -12.03 1.51
CA GLU A 296 -10.58 -12.75 0.58
C GLU A 296 -10.65 -14.26 0.74
N GLY A 297 -11.40 -14.76 1.73
CA GLY A 297 -11.54 -16.19 1.94
C GLY A 297 -10.47 -16.84 2.80
N ILE A 298 -9.71 -16.05 3.54
CA ILE A 298 -8.63 -16.60 4.36
C ILE A 298 -9.24 -17.24 5.60
N SER A 299 -8.66 -18.36 6.02
CA SER A 299 -9.23 -19.17 7.10
C SER A 299 -9.10 -18.43 8.43
N ASP A 300 -9.90 -18.88 9.41
CA ASP A 300 -9.80 -18.32 10.75
C ASP A 300 -8.44 -18.61 11.36
N GLU A 301 -7.86 -19.76 11.02
CA GLU A 301 -6.61 -20.16 11.65
C GLU A 301 -5.46 -19.27 11.21
N ALA A 302 -5.44 -18.87 9.95
CA ALA A 302 -4.42 -17.95 9.48
C ALA A 302 -4.67 -16.54 10.04
N ILE A 303 -5.92 -16.14 10.17
CA ILE A 303 -6.23 -14.85 10.78
C ILE A 303 -5.69 -14.80 12.20
N VAL A 304 -5.98 -15.83 12.98
CA VAL A 304 -5.53 -15.88 14.37
C VAL A 304 -4.00 -15.89 14.42
N GLN A 305 -3.38 -16.72 13.57
CA GLN A 305 -1.92 -16.81 13.55
C GLN A 305 -1.30 -15.49 13.08
N GLY A 306 -1.87 -14.88 12.04
CA GLY A 306 -1.30 -13.63 11.55
C GLY A 306 -1.37 -12.50 12.56
N LEU A 307 -2.47 -12.40 13.30
CA LEU A 307 -2.62 -11.32 14.28
C LEU A 307 -1.71 -11.53 15.48
N SER A 308 -1.66 -12.75 16.03
CA SER A 308 -0.86 -12.96 17.23
C SER A 308 0.64 -12.95 16.93
N GLY A 309 1.03 -13.31 15.71
CA GLY A 309 2.44 -13.32 15.37
C GLY A 309 3.06 -11.97 15.15
N PHE A 310 2.26 -10.96 14.80
CA PHE A 310 2.81 -9.63 14.56
C PHE A 310 3.29 -9.03 15.87
N GLN A 311 4.48 -8.41 15.83
CA GLN A 311 5.11 -7.91 17.03
C GLN A 311 4.80 -6.43 17.29
N GLY A 312 5.18 -5.56 16.36
CA GLY A 312 4.97 -4.13 16.54
C GLY A 312 6.17 -3.27 16.19
#